data_8CMS
#
_entry.id   8CMS
#
_cell.length_a   47.650
_cell.length_b   45.250
_cell.length_c   58.000
_cell.angle_alpha   90.000
_cell.angle_beta   96.050
_cell.angle_gamma   90.000
#
_symmetry.space_group_name_H-M   'P 1 21 1'
#
loop_
_entity.id
_entity.type
_entity.pdbx_description
1 polymer 'Ubiquitin thioesterase OTUB2'
2 non-polymer "(1~{S},2~{S})-~{N}'-ethanoyl-2-(3-methylphenyl)cyclopropane-1-carbohydrazide"
3 water water
#
_entity_poly.entity_id   1
_entity_poly.type   'polypeptide(L)'
_entity_poly.pdbx_seq_one_letter_code
;GPMSETSFNLISEKCDILSILRDHPENRIYRRKIEELSKRFTAIRKTKGDGNCFYRALGYSYLESLLGKSREIFKFKERV
LQTPNDLLAAGFEEHKFRNFFNAFYSVVELVEKDGSVSSLLKVFNDQSASDHIVQFLRLLTSAFIRNRADFFRHFIDEEM
DIKDFCTHEVEPMATECDHIQITALSQALSIALQVEYVDEMDTALNHHVFPEAATPSVYLLYKTSHYNILYAADKH
;
_entity_poly.pdbx_strand_id   AAA
#
loop_
_chem_comp.id
_chem_comp.type
_chem_comp.name
_chem_comp.formula
V2X non-polymer (1~{S},2~{S})-~{N}'-ethanoyl-2-(3-methylphenyl)cyclopropane-1-carbohydrazide 'C13 H16 N2 O2'
#
# COMPACT_ATOMS: atom_id res chain seq x y z
N PHE A 8 -3.55 18.07 -3.58
CA PHE A 8 -3.17 16.99 -2.61
C PHE A 8 -4.42 16.24 -2.15
N ASN A 9 -5.32 15.99 -3.11
CA ASN A 9 -6.65 15.34 -2.94
C ASN A 9 -6.51 13.82 -2.79
N LEU A 10 -5.45 13.20 -3.31
CA LEU A 10 -5.27 11.72 -3.19
C LEU A 10 -4.27 11.36 -2.08
N ILE A 11 -3.18 12.12 -1.93
CA ILE A 11 -2.22 12.00 -0.82
C ILE A 11 -1.90 13.40 -0.30
N SER A 12 -2.17 13.65 0.98
CA SER A 12 -2.04 14.99 1.61
C SER A 12 -0.56 15.30 1.87
N GLU A 13 -0.30 16.56 2.20
CA GLU A 13 0.96 17.01 2.82
C GLU A 13 0.97 16.42 4.21
N LYS A 14 2.12 16.44 4.87
CA LYS A 14 2.26 15.88 6.24
C LYS A 14 1.49 16.74 7.24
N CYS A 15 0.82 16.10 8.18
CA CYS A 15 0.18 16.72 9.37
C CYS A 15 0.83 16.11 10.61
N ASP A 16 0.99 16.89 11.66
CA ASP A 16 1.49 16.33 12.93
C ASP A 16 0.47 15.28 13.36
N ILE A 17 0.97 14.23 13.99
CA ILE A 17 0.18 13.04 14.37
C ILE A 17 -0.99 13.51 15.28
N LEU A 18 -0.78 14.53 16.11
CA LEU A 18 -1.82 14.92 17.10
C LEU A 18 -2.98 15.69 16.44
N SER A 19 -2.86 16.09 15.17
CA SER A 19 -4.00 16.58 14.35
C SER A 19 -5.13 15.55 14.35
N ILE A 20 -4.82 14.27 14.46
CA ILE A 20 -5.83 13.18 14.47
C ILE A 20 -6.82 13.46 15.62
N LEU A 21 -6.36 14.07 16.71
CA LEU A 21 -7.15 14.39 17.94
C LEU A 21 -7.68 15.82 17.82
N ARG A 22 -6.81 16.79 17.51
CA ARG A 22 -7.19 18.22 17.46
C ARG A 22 -8.31 18.45 16.44
N ASP A 23 -8.30 17.78 15.29
CA ASP A 23 -9.21 18.11 14.16
C ASP A 23 -10.52 17.30 14.21
N HIS A 24 -10.55 16.21 14.98
CA HIS A 24 -11.59 15.15 14.90
C HIS A 24 -12.03 14.79 16.32
N PRO A 25 -13.01 15.51 16.89
CA PRO A 25 -13.65 15.12 18.14
C PRO A 25 -13.99 13.62 18.23
N GLU A 26 -14.44 13.05 17.12
CA GLU A 26 -14.83 11.62 17.00
C GLU A 26 -13.66 10.68 17.37
N ASN A 27 -12.42 11.16 17.29
CA ASN A 27 -11.22 10.32 17.55
C ASN A 27 -10.77 10.42 19.00
N ARG A 28 -11.37 11.30 19.78
CA ARG A 28 -10.84 11.63 21.12
C ARG A 28 -11.00 10.40 22.02
N ILE A 29 -11.95 9.51 21.74
CA ILE A 29 -12.08 8.23 22.48
C ILE A 29 -10.79 7.38 22.29
N TYR A 30 -10.02 7.63 21.22
CA TYR A 30 -8.77 6.86 20.93
C TYR A 30 -7.53 7.62 21.42
N ARG A 31 -7.73 8.63 22.27
CA ARG A 31 -6.68 9.56 22.78
C ARG A 31 -5.46 8.75 23.23
N ARG A 32 -5.69 7.68 23.98
CA ARG A 32 -4.60 6.96 24.67
C ARG A 32 -3.69 6.35 23.60
N LYS A 33 -4.27 5.65 22.64
CA LYS A 33 -3.48 4.98 21.58
C LYS A 33 -2.73 6.06 20.79
N ILE A 34 -3.43 7.12 20.40
CA ILE A 34 -2.87 8.18 19.52
C ILE A 34 -1.70 8.86 20.26
N GLU A 35 -1.87 9.15 21.55
CA GLU A 35 -0.80 9.80 22.37
C GLU A 35 0.41 8.86 22.46
N GLU A 36 0.18 7.57 22.67
CA GLU A 36 1.29 6.58 22.63
C GLU A 36 1.99 6.59 21.27
N LEU A 37 1.23 6.45 20.18
CA LEU A 37 1.79 6.46 18.82
C LEU A 37 2.61 7.75 18.61
N SER A 38 2.20 8.87 19.19
CA SER A 38 2.86 10.19 19.00
C SER A 38 4.28 10.18 19.61
N LYS A 39 4.59 9.22 20.48
CA LYS A 39 5.96 9.00 21.04
C LYS A 39 6.86 8.43 19.94
N ARG A 40 6.30 7.65 19.02
CA ARG A 40 7.06 6.84 18.05
C ARG A 40 6.94 7.44 16.65
N PHE A 41 5.87 8.18 16.39
CA PHE A 41 5.59 8.73 15.05
C PHE A 41 5.29 10.21 15.19
N THR A 42 5.79 11.00 14.27
CA THR A 42 5.75 12.48 14.32
C THR A 42 4.62 12.99 13.41
N ALA A 43 4.33 12.29 12.32
CA ALA A 43 3.49 12.86 11.25
C ALA A 43 2.68 11.76 10.56
N ILE A 44 1.69 12.23 9.81
CA ILE A 44 0.76 11.40 9.00
C ILE A 44 0.59 12.09 7.65
N ARG A 45 0.43 11.32 6.58
CA ARG A 45 -0.23 11.83 5.36
C ARG A 45 -1.56 11.10 5.22
N LYS A 46 -2.58 11.87 4.88
CA LYS A 46 -3.95 11.33 4.67
C LYS A 46 -4.06 10.89 3.21
N THR A 47 -4.73 9.77 3.01
CA THR A 47 -5.02 9.20 1.67
C THR A 47 -6.50 9.33 1.39
N LYS A 48 -6.89 9.44 0.13
CA LYS A 48 -8.34 9.54 -0.17
C LYS A 48 -9.02 8.21 0.16
N GLY A 49 -10.18 8.28 0.81
CA GLY A 49 -11.01 7.09 1.06
C GLY A 49 -11.84 6.76 -0.15
N ASP A 50 -11.31 6.00 -1.11
CA ASP A 50 -12.03 5.74 -2.37
C ASP A 50 -12.01 4.26 -2.70
N GLY A 51 -11.63 3.43 -1.73
CA GLY A 51 -11.52 1.98 -1.92
C GLY A 51 -10.12 1.55 -2.35
N ASN A 52 -9.30 2.51 -2.74
CA ASN A 52 -7.95 2.28 -3.30
C ASN A 52 -6.89 2.63 -2.27
N CYS A 53 -7.23 3.04 -1.05
CA CYS A 53 -6.25 3.79 -0.21
C CYS A 53 -5.08 2.90 0.21
N PHE A 54 -5.29 1.59 0.33
CA PHE A 54 -4.18 0.70 0.74
C PHE A 54 -3.12 0.72 -0.35
N TYR A 55 -3.56 0.51 -1.58
CA TYR A 55 -2.64 0.38 -2.75
C TYR A 55 -1.94 1.72 -2.95
N ARG A 56 -2.67 2.79 -2.83
CA ARG A 56 -2.13 4.13 -3.09
C ARG A 56 -1.16 4.53 -1.97
N ALA A 57 -1.52 4.25 -0.70
CA ALA A 57 -0.69 4.51 0.50
C ALA A 57 0.60 3.70 0.40
N LEU A 58 0.49 2.42 0.07
CA LEU A 58 1.70 1.55 0.11
C LEU A 58 2.61 1.93 -1.05
N GLY A 59 2.05 2.15 -2.24
CA GLY A 59 2.83 2.58 -3.41
C GLY A 59 3.58 3.86 -3.10
N TYR A 60 2.86 4.89 -2.65
CA TYR A 60 3.46 6.21 -2.39
C TYR A 60 4.53 6.09 -1.30
N SER A 61 4.15 5.51 -0.16
CA SER A 61 5.00 5.44 1.03
C SER A 61 6.28 4.67 0.72
N TYR A 62 6.17 3.55 0.02
CA TYR A 62 7.36 2.72 -0.25
C TYR A 62 8.30 3.48 -1.21
N LEU A 63 7.77 4.07 -2.27
CA LEU A 63 8.61 4.80 -3.25
C LEU A 63 9.23 6.01 -2.57
N GLU A 64 8.49 6.62 -1.66
CA GLU A 64 9.01 7.77 -0.89
C GLU A 64 10.19 7.28 -0.04
N SER A 65 10.07 6.08 0.54
CA SER A 65 11.08 5.49 1.46
C SER A 65 12.36 5.24 0.68
N LEU A 66 12.28 5.11 -0.64
CA LEU A 66 13.46 4.76 -1.48
C LEU A 66 14.28 5.99 -1.89
N LEU A 67 13.75 7.21 -1.70
CA LEU A 67 14.36 8.41 -2.31
C LEU A 67 15.78 8.55 -1.74
N GLY A 68 16.79 8.63 -2.61
CA GLY A 68 18.18 8.85 -2.25
C GLY A 68 18.92 7.55 -1.90
N LYS A 69 18.26 6.39 -1.95
CA LYS A 69 18.90 5.11 -1.55
C LYS A 69 19.20 4.33 -2.82
N SER A 70 20.27 4.72 -3.51
CA SER A 70 20.45 4.33 -4.94
C SER A 70 20.54 2.80 -5.06
N ARG A 71 21.11 2.12 -4.07
CA ARG A 71 21.29 0.65 -4.12
C ARG A 71 19.93 -0.04 -3.94
N GLU A 72 19.12 0.48 -3.02
CA GLU A 72 17.75 -0.01 -2.72
C GLU A 72 16.88 0.19 -3.96
N ILE A 73 16.97 1.37 -4.57
CA ILE A 73 16.26 1.71 -5.83
C ILE A 73 16.66 0.70 -6.89
N PHE A 74 17.96 0.39 -7.01
CA PHE A 74 18.50 -0.52 -8.06
C PHE A 74 17.85 -1.90 -7.88
N LYS A 75 17.87 -2.42 -6.66
CA LYS A 75 17.33 -3.77 -6.37
C LYS A 75 15.82 -3.73 -6.59
N PHE A 76 15.17 -2.61 -6.29
CA PHE A 76 13.70 -2.53 -6.47
C PHE A 76 13.37 -2.52 -7.98
N LYS A 77 14.17 -1.83 -8.78
CA LYS A 77 13.94 -1.72 -10.25
C LYS A 77 14.02 -3.12 -10.85
N GLU A 78 14.98 -3.93 -10.40
CA GLU A 78 15.15 -5.33 -10.85
C GLU A 78 13.87 -6.12 -10.60
N ARG A 79 13.28 -5.99 -9.40
CA ARG A 79 12.06 -6.74 -9.00
C ARG A 79 10.94 -6.26 -9.95
N VAL A 80 10.87 -4.96 -10.21
CA VAL A 80 9.81 -4.32 -11.04
C VAL A 80 9.93 -4.78 -12.49
N LEU A 81 11.14 -4.89 -13.04
CA LEU A 81 11.39 -5.38 -14.42
C LEU A 81 11.00 -6.87 -14.57
N GLN A 82 10.93 -7.64 -13.47
CA GLN A 82 10.49 -9.06 -13.45
C GLN A 82 8.96 -9.14 -13.44
N THR A 83 8.23 -8.10 -13.05
CA THR A 83 6.76 -8.24 -12.79
C THR A 83 6.01 -8.63 -14.06
N PRO A 84 6.35 -8.17 -15.29
CA PRO A 84 5.64 -8.63 -16.48
C PRO A 84 5.58 -10.16 -16.58
N ASN A 85 6.66 -10.88 -16.25
CA ASN A 85 6.69 -12.36 -16.31
C ASN A 85 5.74 -12.95 -15.25
N ASP A 86 5.68 -12.35 -14.06
CA ASP A 86 4.80 -12.81 -12.94
C ASP A 86 3.34 -12.64 -13.40
N LEU A 87 3.05 -11.53 -14.07
CA LEU A 87 1.68 -11.21 -14.57
C LEU A 87 1.30 -12.24 -15.64
N LEU A 88 2.20 -12.56 -16.56
CA LEU A 88 1.90 -13.51 -17.66
C LEU A 88 1.74 -14.90 -17.03
N ALA A 89 2.58 -15.26 -16.07
CA ALA A 89 2.49 -16.59 -15.41
C ALA A 89 1.10 -16.73 -14.79
N ALA A 90 0.47 -15.62 -14.41
CA ALA A 90 -0.85 -15.61 -13.73
C ALA A 90 -1.96 -15.47 -14.77
N GLY A 91 -1.62 -15.37 -16.06
CA GLY A 91 -2.62 -15.30 -17.15
C GLY A 91 -2.99 -13.89 -17.57
N PHE A 92 -2.24 -12.86 -17.16
CA PHE A 92 -2.47 -11.46 -17.65
C PHE A 92 -1.69 -11.30 -18.94
N GLU A 93 -2.36 -10.84 -19.99
CA GLU A 93 -1.73 -10.55 -21.29
C GLU A 93 -1.07 -9.19 -21.23
N GLU A 94 0.07 -9.04 -21.92
CA GLU A 94 0.88 -7.80 -21.90
C GLU A 94 0.02 -6.63 -22.37
N HIS A 95 -0.76 -6.81 -23.45
CA HIS A 95 -1.45 -5.66 -24.12
C HIS A 95 -2.46 -5.06 -23.12
N LYS A 96 -2.83 -5.83 -22.11
CA LYS A 96 -3.86 -5.43 -21.11
C LYS A 96 -3.21 -4.83 -19.86
N PHE A 97 -1.98 -5.19 -19.50
CA PHE A 97 -1.34 -4.61 -18.30
C PHE A 97 -0.31 -3.54 -18.67
N ARG A 98 -0.04 -3.34 -19.95
CA ARG A 98 1.11 -2.53 -20.43
C ARG A 98 1.04 -1.13 -19.81
N ASN A 99 -0.08 -0.44 -19.93
CA ASN A 99 -0.19 0.98 -19.53
C ASN A 99 -0.03 1.11 -18.01
N PHE A 100 -0.45 0.10 -17.25
CA PHE A 100 -0.37 0.12 -15.75
C PHE A 100 1.09 -0.15 -15.36
N PHE A 101 1.72 -1.12 -16.03
CA PHE A 101 3.15 -1.39 -15.82
C PHE A 101 3.94 -0.11 -16.07
N ASN A 102 3.66 0.53 -17.21
CA ASN A 102 4.38 1.75 -17.69
C ASN A 102 4.23 2.88 -16.66
N ALA A 103 3.06 3.09 -16.09
CA ALA A 103 2.80 4.12 -15.08
C ALA A 103 3.69 3.84 -13.86
N PHE A 104 3.78 2.59 -13.43
CA PHE A 104 4.52 2.22 -12.20
C PHE A 104 6.01 2.34 -12.49
N TYR A 105 6.44 1.85 -13.65
CA TYR A 105 7.85 1.93 -14.11
C TYR A 105 8.30 3.39 -14.13
N SER A 106 7.46 4.26 -14.68
CA SER A 106 7.70 5.72 -14.79
C SER A 106 7.98 6.33 -13.41
N VAL A 107 7.16 6.04 -12.41
CA VAL A 107 7.38 6.62 -11.06
C VAL A 107 8.60 5.93 -10.43
N VAL A 108 8.92 4.68 -10.76
CA VAL A 108 10.20 4.09 -10.26
C VAL A 108 11.39 4.86 -10.87
N GLU A 109 11.35 5.14 -12.17
CA GLU A 109 12.42 5.93 -12.83
C GLU A 109 12.51 7.33 -12.23
N LEU A 110 11.39 7.97 -11.93
CA LEU A 110 11.35 9.30 -11.24
C LEU A 110 12.15 9.23 -9.94
N VAL A 111 11.91 8.21 -9.13
CA VAL A 111 12.63 8.06 -7.84
C VAL A 111 14.11 7.81 -8.15
N GLU A 112 14.40 6.91 -9.10
CA GLU A 112 15.78 6.56 -9.49
C GLU A 112 16.59 7.78 -9.93
N LYS A 113 15.98 8.72 -10.66
CA LYS A 113 16.67 9.91 -11.24
C LYS A 113 16.61 11.11 -10.27
N ASP A 114 17.04 10.90 -9.03
CA ASP A 114 17.21 11.93 -7.96
C ASP A 114 15.84 12.29 -7.37
N GLY A 115 14.80 12.45 -8.20
CA GLY A 115 13.38 12.57 -7.79
C GLY A 115 13.20 13.23 -6.44
N SER A 116 12.30 14.19 -6.32
CA SER A 116 11.96 14.78 -5.01
C SER A 116 10.66 14.17 -4.48
N VAL A 117 10.42 14.37 -3.19
CA VAL A 117 9.10 14.10 -2.54
C VAL A 117 8.04 14.86 -3.30
N SER A 118 8.30 16.14 -3.61
CA SER A 118 7.36 17.03 -4.32
C SER A 118 6.98 16.41 -5.66
N SER A 119 7.94 15.92 -6.45
CA SER A 119 7.66 15.37 -7.80
C SER A 119 6.90 14.05 -7.66
N LEU A 120 7.26 13.22 -6.67
CA LEU A 120 6.56 11.96 -6.36
C LEU A 120 5.10 12.24 -5.93
N LEU A 121 4.89 13.24 -5.07
CA LEU A 121 3.54 13.61 -4.59
C LEU A 121 2.71 14.04 -5.80
N LYS A 122 3.32 14.77 -6.73
CA LYS A 122 2.58 15.31 -7.90
C LYS A 122 2.03 14.14 -8.74
N VAL A 123 2.82 13.09 -9.00
CA VAL A 123 2.36 11.88 -9.76
C VAL A 123 1.21 11.21 -9.01
N PHE A 124 1.37 11.04 -7.69
CA PHE A 124 0.40 10.29 -6.85
C PHE A 124 -0.86 11.11 -6.63
N ASN A 125 -0.81 12.42 -6.87
CA ASN A 125 -2.01 13.28 -6.80
C ASN A 125 -2.58 13.51 -8.21
N ASP A 126 -1.92 13.03 -9.26
CA ASP A 126 -2.49 13.03 -10.63
C ASP A 126 -3.48 11.86 -10.75
N GLN A 127 -4.78 12.14 -10.86
CA GLN A 127 -5.81 11.07 -10.83
C GLN A 127 -5.42 9.93 -11.77
N SER A 128 -5.14 10.26 -13.03
CA SER A 128 -4.87 9.23 -14.05
C SER A 128 -3.61 8.43 -13.71
N ALA A 129 -2.48 9.09 -13.44
CA ALA A 129 -1.19 8.40 -13.18
C ALA A 129 -1.35 7.56 -11.91
N SER A 130 -1.90 8.15 -10.88
CA SER A 130 -2.07 7.51 -9.54
C SER A 130 -2.98 6.27 -9.68
N ASP A 131 -4.05 6.36 -10.46
CA ASP A 131 -5.00 5.23 -10.58
C ASP A 131 -4.38 4.15 -11.46
N HIS A 132 -3.54 4.50 -12.44
CA HIS A 132 -2.81 3.49 -13.24
C HIS A 132 -1.83 2.76 -12.33
N ILE A 133 -1.15 3.50 -11.45
CA ILE A 133 -0.23 2.88 -10.45
C ILE A 133 -1.05 1.93 -9.57
N VAL A 134 -2.16 2.40 -9.01
CA VAL A 134 -3.02 1.51 -8.18
C VAL A 134 -3.46 0.29 -8.99
N GLN A 135 -3.92 0.47 -10.22
CA GLN A 135 -4.35 -0.68 -11.06
C GLN A 135 -3.18 -1.65 -11.25
N PHE A 136 -1.98 -1.13 -11.44
CA PHE A 136 -0.82 -2.03 -11.59
C PHE A 136 -0.68 -2.85 -10.30
N LEU A 137 -0.72 -2.20 -9.15
CA LEU A 137 -0.49 -2.87 -7.85
C LEU A 137 -1.60 -3.90 -7.62
N ARG A 138 -2.82 -3.61 -8.03
CA ARG A 138 -3.94 -4.59 -7.99
C ARG A 138 -3.65 -5.80 -8.87
N LEU A 139 -3.16 -5.60 -10.10
CA LEU A 139 -2.92 -6.74 -11.01
C LEU A 139 -1.80 -7.57 -10.37
N LEU A 140 -0.77 -6.91 -9.83
CA LEU A 140 0.37 -7.66 -9.26
C LEU A 140 -0.12 -8.47 -8.05
N THR A 141 -0.99 -7.88 -7.28
CA THR A 141 -1.59 -8.55 -6.10
C THR A 141 -2.32 -9.82 -6.58
N SER A 142 -3.19 -9.65 -7.58
CA SER A 142 -3.96 -10.76 -8.19
C SER A 142 -2.98 -11.83 -8.69
N ALA A 143 -1.90 -11.43 -9.38
CA ALA A 143 -0.95 -12.37 -10.01
C ALA A 143 -0.34 -13.19 -8.88
N PHE A 144 0.01 -12.51 -7.82
CA PHE A 144 0.71 -13.15 -6.68
C PHE A 144 -0.17 -14.23 -6.06
N ILE A 145 -1.44 -13.93 -5.85
CA ILE A 145 -2.44 -14.83 -5.22
C ILE A 145 -2.74 -16.01 -6.16
N ARG A 146 -2.94 -15.73 -7.44
CA ARG A 146 -3.25 -16.75 -8.47
C ARG A 146 -2.11 -17.77 -8.52
N ASN A 147 -0.87 -17.31 -8.49
CA ASN A 147 0.37 -18.12 -8.63
C ASN A 147 0.51 -18.98 -7.37
N ARG A 148 -0.16 -18.64 -6.26
CA ARG A 148 -0.11 -19.38 -4.98
C ARG A 148 -1.50 -19.70 -4.49
N ALA A 149 -2.36 -20.16 -5.39
CA ALA A 149 -3.77 -20.48 -5.08
C ALA A 149 -3.81 -21.39 -3.85
N ASP A 150 -2.85 -22.30 -3.75
CA ASP A 150 -2.78 -23.38 -2.71
C ASP A 150 -2.68 -22.71 -1.35
N PHE A 151 -1.80 -21.72 -1.21
CA PHE A 151 -1.61 -20.92 0.03
C PHE A 151 -2.85 -20.05 0.30
N PHE A 152 -3.29 -19.21 -0.65
CA PHE A 152 -4.33 -18.19 -0.38
C PHE A 152 -5.70 -18.85 -0.20
N ARG A 153 -5.85 -20.08 -0.73
CA ARG A 153 -7.12 -20.86 -0.63
C ARG A 153 -7.52 -20.96 0.83
N HIS A 154 -6.54 -20.99 1.74
CA HIS A 154 -6.76 -21.16 3.20
C HIS A 154 -7.52 -19.97 3.79
N PHE A 155 -7.50 -18.79 3.15
CA PHE A 155 -8.01 -17.56 3.79
C PHE A 155 -9.36 -17.12 3.21
N ILE A 156 -9.91 -17.82 2.23
CA ILE A 156 -11.21 -17.42 1.62
C ILE A 156 -12.24 -18.53 1.87
N ASP A 157 -13.49 -18.11 2.06
CA ASP A 157 -14.74 -18.80 1.70
C ASP A 157 -14.42 -20.04 0.85
N GLU A 158 -14.73 -21.23 1.35
CA GLU A 158 -14.59 -22.52 0.62
C GLU A 158 -15.38 -22.50 -0.68
N GLU A 159 -16.60 -21.93 -0.67
CA GLU A 159 -17.49 -21.81 -1.86
C GLU A 159 -16.89 -20.88 -2.91
N MET A 160 -15.97 -20.00 -2.54
CA MET A 160 -15.40 -18.99 -3.46
C MET A 160 -14.15 -19.58 -4.12
N ASP A 161 -14.08 -19.48 -5.45
CA ASP A 161 -12.88 -19.83 -6.25
C ASP A 161 -11.85 -18.71 -6.06
N ILE A 162 -10.59 -19.07 -5.90
CA ILE A 162 -9.48 -18.08 -5.76
C ILE A 162 -9.48 -17.13 -6.96
N LYS A 163 -9.70 -17.65 -8.17
CA LYS A 163 -9.70 -16.83 -9.40
C LYS A 163 -10.85 -15.84 -9.35
N ASP A 164 -12.02 -16.24 -8.84
CA ASP A 164 -13.19 -15.33 -8.72
C ASP A 164 -12.94 -14.27 -7.64
N PHE A 165 -12.33 -14.64 -6.52
CA PHE A 165 -11.88 -13.66 -5.49
C PHE A 165 -10.98 -12.59 -6.14
N CYS A 166 -10.02 -13.02 -6.95
CA CYS A 166 -9.08 -12.09 -7.59
C CYS A 166 -9.83 -11.23 -8.61
N THR A 167 -10.67 -11.84 -9.42
CA THR A 167 -11.43 -11.13 -10.48
C THR A 167 -12.25 -10.03 -9.85
N HIS A 168 -12.92 -10.31 -8.74
CA HIS A 168 -13.95 -9.41 -8.19
C HIS A 168 -13.45 -8.62 -6.99
N GLU A 169 -12.44 -9.08 -6.24
CA GLU A 169 -12.10 -8.40 -4.95
C GLU A 169 -10.67 -7.87 -4.93
N VAL A 170 -9.91 -8.09 -6.00
CA VAL A 170 -8.50 -7.65 -6.06
C VAL A 170 -8.29 -6.77 -7.29
N GLU A 171 -8.63 -7.27 -8.48
CA GLU A 171 -8.37 -6.58 -9.76
C GLU A 171 -9.17 -5.28 -9.91
N PRO A 172 -10.48 -5.21 -9.60
CA PRO A 172 -11.24 -4.02 -9.95
C PRO A 172 -10.81 -2.84 -9.07
N MET A 173 -10.79 -1.63 -9.63
CA MET A 173 -10.56 -0.38 -8.87
C MET A 173 -11.64 -0.23 -7.80
N ALA A 174 -11.28 0.39 -6.69
CA ALA A 174 -12.19 0.76 -5.58
C ALA A 174 -12.63 -0.45 -4.73
N THR A 175 -12.05 -1.64 -4.90
CA THR A 175 -12.44 -2.83 -4.10
C THR A 175 -11.56 -2.84 -2.85
N GLU A 176 -12.19 -2.86 -1.68
CA GLU A 176 -11.50 -2.74 -0.36
C GLU A 176 -10.64 -3.98 -0.16
N CYS A 177 -9.54 -3.78 0.55
N CYS A 177 -9.52 -3.82 0.53
CA CYS A 177 -8.54 -4.80 0.94
CA CYS A 177 -8.54 -4.90 0.80
C CYS A 177 -8.94 -5.49 2.24
C CYS A 177 -8.69 -5.41 2.23
N ASP A 178 -8.44 -6.70 2.41
CA ASP A 178 -8.35 -7.38 3.71
C ASP A 178 -6.86 -7.73 3.90
N HIS A 179 -6.56 -8.55 4.90
CA HIS A 179 -5.18 -9.00 5.17
C HIS A 179 -4.62 -9.75 3.96
N ILE A 180 -5.47 -10.46 3.17
CA ILE A 180 -5.08 -11.28 1.97
C ILE A 180 -4.27 -10.40 1.02
N GLN A 181 -4.88 -9.32 0.56
CA GLN A 181 -4.29 -8.38 -0.44
C GLN A 181 -3.05 -7.71 0.16
N ILE A 182 -3.07 -7.38 1.44
CA ILE A 182 -1.90 -6.72 2.10
C ILE A 182 -0.72 -7.70 2.10
N THR A 183 -0.99 -8.94 2.50
CA THR A 183 0.04 -10.01 2.47
C THR A 183 0.55 -10.22 1.05
N ALA A 184 -0.34 -10.43 0.10
CA ALA A 184 0.03 -10.70 -1.31
C ALA A 184 0.92 -9.58 -1.87
N LEU A 185 0.53 -8.32 -1.73
CA LEU A 185 1.26 -7.20 -2.40
C LEU A 185 2.61 -6.99 -1.71
N SER A 186 2.63 -7.02 -0.38
CA SER A 186 3.88 -6.86 0.39
C SER A 186 4.87 -7.95 -0.02
N GLN A 187 4.42 -9.21 -0.10
CA GLN A 187 5.30 -10.34 -0.50
C GLN A 187 5.69 -10.13 -1.96
N ALA A 188 4.77 -9.68 -2.79
CA ALA A 188 4.99 -9.56 -4.26
C ALA A 188 6.15 -8.60 -4.54
N LEU A 189 6.24 -7.47 -3.82
CA LEU A 189 7.30 -6.46 -4.01
C LEU A 189 8.33 -6.48 -2.89
N SER A 190 8.30 -7.47 -1.98
CA SER A 190 9.19 -7.51 -0.78
C SER A 190 9.18 -6.18 -0.06
N ILE A 191 8.01 -5.65 0.25
CA ILE A 191 7.87 -4.39 1.05
C ILE A 191 7.55 -4.81 2.48
N ALA A 192 8.49 -4.61 3.39
CA ALA A 192 8.26 -4.77 4.84
C ALA A 192 7.37 -3.60 5.28
N LEU A 193 6.19 -3.95 5.74
CA LEU A 193 5.08 -3.04 6.08
C LEU A 193 4.72 -3.26 7.55
N GLN A 194 4.42 -2.20 8.30
CA GLN A 194 3.82 -2.33 9.64
C GLN A 194 2.52 -1.53 9.63
N VAL A 195 1.45 -2.14 10.13
CA VAL A 195 0.14 -1.50 10.32
C VAL A 195 -0.06 -1.26 11.80
N GLU A 196 -0.36 0.00 12.15
CA GLU A 196 -0.72 0.47 13.49
C GLU A 196 -2.22 0.71 13.48
N TYR A 197 -2.90 0.35 14.54
CA TYR A 197 -4.37 0.57 14.68
C TYR A 197 -4.60 1.81 15.53
N VAL A 198 -5.61 2.58 15.15
CA VAL A 198 -6.08 3.76 15.91
C VAL A 198 -6.86 3.26 17.13
N ASP A 199 -7.71 2.26 16.90
CA ASP A 199 -8.79 1.80 17.82
C ASP A 199 -8.33 0.48 18.48
N GLU A 200 -7.91 0.59 19.73
CA GLU A 200 -7.46 -0.55 20.59
C GLU A 200 -8.57 -1.61 20.69
N MET A 201 -9.84 -1.22 20.64
CA MET A 201 -10.97 -2.17 20.85
C MET A 201 -11.26 -2.93 19.56
N ASP A 202 -10.69 -2.53 18.42
CA ASP A 202 -10.96 -3.25 17.13
C ASP A 202 -10.22 -4.58 17.18
N THR A 203 -10.98 -5.64 16.96
CA THR A 203 -10.63 -7.06 17.27
C THR A 203 -10.03 -7.74 16.03
N ALA A 204 -10.32 -7.24 14.82
CA ALA A 204 -9.65 -7.67 13.56
C ALA A 204 -8.19 -8.04 13.85
N LEU A 205 -7.81 -9.31 13.69
CA LEU A 205 -6.40 -9.80 13.80
C LEU A 205 -5.50 -8.94 12.89
N ASN A 206 -4.35 -8.50 13.38
CA ASN A 206 -3.35 -7.71 12.60
C ASN A 206 -2.22 -8.65 12.19
N HIS A 207 -2.07 -8.98 10.90
CA HIS A 207 -1.02 -9.92 10.41
C HIS A 207 0.26 -9.17 10.05
N HIS A 208 0.28 -7.84 10.29
CA HIS A 208 1.31 -6.89 9.78
C HIS A 208 1.78 -6.00 10.93
N VAL A 209 1.84 -6.56 12.13
CA VAL A 209 2.53 -5.88 13.27
C VAL A 209 3.67 -6.80 13.77
N PHE A 210 4.89 -6.26 13.83
CA PHE A 210 6.11 -6.99 14.25
C PHE A 210 6.73 -6.28 15.44
N PRO A 211 7.72 -6.88 16.14
CA PRO A 211 8.40 -6.21 17.25
C PRO A 211 9.16 -4.97 16.73
N GLU A 212 9.59 -4.06 17.61
CA GLU A 212 10.18 -2.74 17.25
C GLU A 212 11.46 -2.97 16.42
N ALA A 213 12.26 -3.98 16.77
CA ALA A 213 13.60 -4.25 16.19
C ALA A 213 13.53 -4.62 14.69
N ALA A 214 12.37 -5.07 14.17
CA ALA A 214 12.10 -5.19 12.72
C ALA A 214 12.30 -3.82 12.06
N THR A 215 12.58 -3.78 10.77
CA THR A 215 12.92 -2.52 10.05
C THR A 215 11.96 -2.35 8.89
N PRO A 216 10.68 -2.02 9.15
CA PRO A 216 9.72 -1.84 8.06
C PRO A 216 10.10 -0.63 7.20
N SER A 217 9.78 -0.70 5.91
CA SER A 217 9.91 0.43 4.96
C SER A 217 8.73 1.39 5.18
N VAL A 218 7.57 0.82 5.45
CA VAL A 218 6.28 1.56 5.41
C VAL A 218 5.57 1.27 6.73
N TYR A 219 5.04 2.33 7.31
CA TYR A 219 4.13 2.26 8.47
C TYR A 219 2.82 2.88 8.03
N LEU A 220 1.74 2.15 8.22
CA LEU A 220 0.38 2.67 7.91
C LEU A 220 -0.42 2.76 9.20
N LEU A 221 -1.36 3.67 9.22
CA LEU A 221 -2.26 3.82 10.39
C LEU A 221 -3.67 3.43 9.95
N TYR A 222 -4.22 2.41 10.56
CA TYR A 222 -5.46 1.73 10.13
C TYR A 222 -6.62 2.18 11.03
N LYS A 223 -7.75 2.54 10.43
CA LYS A 223 -9.00 2.56 11.21
C LYS A 223 -10.16 2.34 10.26
N THR A 224 -11.08 1.43 10.59
CA THR A 224 -12.36 1.18 9.86
C THR A 224 -12.10 1.25 8.34
N SER A 225 -11.42 0.24 7.80
CA SER A 225 -11.17 0.02 6.35
C SER A 225 -10.29 1.11 5.74
N HIS A 226 -9.68 2.01 6.51
CA HIS A 226 -8.91 3.17 5.98
C HIS A 226 -7.47 3.15 6.48
N TYR A 227 -6.52 3.43 5.60
CA TYR A 227 -5.06 3.42 5.88
C TYR A 227 -4.48 4.78 5.53
N ASN A 228 -3.94 5.47 6.53
CA ASN A 228 -3.09 6.65 6.28
C ASN A 228 -1.61 6.27 6.45
N ILE A 229 -0.72 7.16 6.06
CA ILE A 229 0.74 6.90 6.10
C ILE A 229 1.32 7.51 7.37
N LEU A 230 2.14 6.76 8.09
CA LEU A 230 2.79 7.24 9.34
C LEU A 230 4.26 7.47 9.06
N TYR A 231 4.82 8.48 9.74
CA TYR A 231 6.25 8.87 9.70
C TYR A 231 6.87 8.66 11.07
N ALA A 232 7.82 7.72 11.17
CA ALA A 232 8.57 7.45 12.41
C ALA A 232 9.26 8.73 12.89
N ALA A 233 9.28 8.93 14.21
CA ALA A 233 9.92 10.09 14.86
C ALA A 233 11.42 9.99 14.62
C10 V2X B . -9.67 2.82 1.51
C11 V2X B . -8.39 2.18 1.98
C12 V2X B . -17.53 4.98 2.24
C1 V2X B . -18.66 5.18 1.47
C2 V2X B . -18.50 5.71 0.19
C3 V2X B . -17.24 5.98 -0.31
C4 V2X B . -16.12 5.76 0.47
C5 V2X B . -16.25 5.27 1.77
C6 V2X B . -15.06 4.99 2.65
C7 V2X B . -14.91 3.63 3.24
O1 V2X B . -9.82 3.40 0.43
N1 V2X B . -10.62 2.79 2.42
N V2X B . -11.90 3.09 2.04
C9 V2X B . -12.54 4.13 2.58
O V2X B . -12.10 4.94 3.41
C8 V2X B . -13.99 4.04 2.13
C V2X B . -20.02 4.85 2.01
#